data_1ORG
#
_entry.id   1ORG
#
_cell.length_a   43.303
_cell.length_b   44.930
_cell.length_c   45.562
_cell.angle_alpha   118.13
_cell.angle_beta   93.18
_cell.angle_gamma   107.15
#
_symmetry.space_group_name_H-M   'P 1'
#
loop_
_entity.id
_entity.type
_entity.pdbx_description
1 polymer 'pheromone binding protein'
2 non-polymer GLYCEROL
3 water water
#
_entity_poly.entity_id   1
_entity_poly.type   'polypeptide(L)'
_entity_poly.pdbx_seq_one_letter_code
;STQSYKDAMGPLVRECMGSVSATEDDFKTVLNRNPLESRTAQCLLACALDKVGLISPEGAIYTGDDLMPVMNRLYGFNDF
KTVMKAKAVNDCANQVNGAYPDRCDLIKNFTDCVRNSY
;
_entity_poly.pdbx_strand_id   A,B
#
loop_
_chem_comp.id
_chem_comp.type
_chem_comp.name
_chem_comp.formula
GOL non-polymer GLYCEROL 'C3 H8 O3'
#
# COMPACT_ATOMS: atom_id res chain seq x y z
N SER A 1 9.74 5.84 -5.80
CA SER A 1 9.91 6.75 -6.98
C SER A 1 10.93 7.85 -6.64
N THR A 2 11.98 7.90 -7.46
CA THR A 2 13.15 8.66 -7.12
C THR A 2 12.78 10.15 -7.03
N GLN A 3 12.13 10.68 -8.06
CA GLN A 3 11.85 12.12 -8.09
C GLN A 3 10.85 12.55 -7.05
N SER A 4 9.83 11.72 -6.81
CA SER A 4 8.80 12.05 -5.82
C SER A 4 9.41 12.13 -4.41
N TYR A 5 10.34 11.21 -4.10
CA TYR A 5 11.07 11.25 -2.85
C TYR A 5 11.79 12.57 -2.77
N LYS A 6 12.45 12.95 -3.86
CA LYS A 6 13.25 14.17 -3.82
C LYS A 6 12.36 15.40 -3.66
N ASP A 7 11.22 15.38 -4.35
CA ASP A 7 10.27 16.48 -4.23
C ASP A 7 9.81 16.68 -2.81
N ALA A 8 9.60 15.58 -2.06
CA ALA A 8 9.07 15.68 -0.70
C ALA A 8 10.16 15.98 0.31
N MET A 9 11.30 15.33 0.14
CA MET A 9 12.38 15.39 1.13
C MET A 9 13.32 16.55 0.94
N GLY A 10 13.52 16.96 -0.31
CA GLY A 10 14.47 18.01 -0.65
C GLY A 10 14.39 19.24 0.24
N PRO A 11 13.22 19.86 0.35
CA PRO A 11 13.13 21.05 1.21
C PRO A 11 13.49 20.78 2.67
N LEU A 12 13.14 19.60 3.15
CA LEU A 12 13.39 19.25 4.55
C LEU A 12 14.86 19.01 4.78
N VAL A 13 15.49 18.27 3.88
CA VAL A 13 16.93 18.02 3.95
C VAL A 13 17.67 19.35 3.87
N ARG A 14 17.20 20.24 2.98
CA ARG A 14 17.84 21.53 2.88
C ARG A 14 17.78 22.30 4.21
N GLU A 15 16.62 22.25 4.86
CA GLU A 15 16.44 22.93 6.14
C GLU A 15 17.37 22.32 7.18
N CYS A 16 17.48 21.00 7.13
CA CYS A 16 18.32 20.23 8.04
C CYS A 16 19.81 20.55 7.86
N MET A 17 20.21 21.02 6.68
CA MET A 17 21.60 21.42 6.51
C MET A 17 21.96 22.57 7.44
N GLY A 18 20.96 23.31 7.91
CA GLY A 18 21.15 24.39 8.86
C GLY A 18 21.30 23.99 10.31
N SER A 19 21.01 22.72 10.62
CA SER A 19 21.08 22.22 12.00
C SER A 19 21.92 20.96 12.10
N VAL A 20 22.47 20.51 10.99
CA VAL A 20 23.36 19.33 10.99
C VAL A 20 24.58 19.71 10.17
N SER A 21 25.79 19.47 10.67
CA SER A 21 26.98 19.90 9.93
C SER A 21 27.37 18.86 8.88
N ALA A 22 26.49 18.73 7.91
CA ALA A 22 26.63 17.82 6.80
C ALA A 22 27.15 18.58 5.58
N THR A 23 27.79 17.84 4.69
CA THR A 23 28.35 18.44 3.48
C THR A 23 27.37 18.41 2.32
N GLU A 24 27.74 19.15 1.26
CA GLU A 24 26.99 19.13 0.03
C GLU A 24 26.93 17.72 -0.54
N ASP A 25 28.03 16.97 -0.43
CA ASP A 25 27.96 15.58 -0.89
C ASP A 25 26.93 14.76 -0.08
N ASP A 26 26.82 15.01 1.22
CA ASP A 26 25.84 14.30 2.08
C ASP A 26 24.41 14.61 1.65
N PHE A 27 24.17 15.86 1.28
CA PHE A 27 22.89 16.27 0.78
C PHE A 27 22.47 15.38 -0.41
N LYS A 28 23.37 15.24 -1.40
CA LYS A 28 23.14 14.35 -2.54
C LYS A 28 22.93 12.88 -2.12
N THR A 29 23.76 12.39 -1.21
CA THR A 29 23.63 11.01 -0.75
C THR A 29 22.22 10.78 -0.22
N VAL A 30 21.74 11.73 0.58
CA VAL A 30 20.43 11.55 1.20
C VAL A 30 19.32 11.67 0.17
N LEU A 31 19.40 12.70 -0.69
CA LEU A 31 18.35 12.84 -1.68
C LEU A 31 18.28 11.66 -2.63
N ASN A 32 19.44 11.08 -2.95
CA ASN A 32 19.51 9.97 -3.87
C ASN A 32 19.18 8.61 -3.21
N ARG A 33 18.93 8.63 -1.89
CA ARG A 33 18.71 7.41 -1.09
C ARG A 33 19.88 6.41 -1.24
N ASN A 34 21.09 6.95 -1.29
CA ASN A 34 22.29 6.11 -1.33
C ASN A 34 22.60 5.64 0.09
N PRO A 35 23.40 4.59 0.22
CA PRO A 35 23.86 4.17 1.55
C PRO A 35 24.47 5.35 2.32
N LEU A 36 24.07 5.47 3.58
CA LEU A 36 24.48 6.57 4.44
C LEU A 36 25.80 6.22 5.08
N GLU A 37 26.87 6.32 4.29
CA GLU A 37 28.17 5.86 4.76
C GLU A 37 28.74 6.81 5.83
N SER A 38 28.57 8.11 5.61
CA SER A 38 29.09 9.08 6.56
C SER A 38 28.13 9.25 7.72
N ARG A 39 28.68 9.36 8.93
CA ARG A 39 27.87 9.74 10.10
C ARG A 39 27.11 11.05 9.83
N THR A 40 27.77 12.03 9.17
CA THR A 40 27.04 13.26 8.83
C THR A 40 25.80 13.01 7.98
N ALA A 41 25.88 12.13 6.97
CA ALA A 41 24.68 11.86 6.16
C ALA A 41 23.60 11.15 6.97
N GLN A 42 24.04 10.25 7.87
CA GLN A 42 23.11 9.53 8.73
C GLN A 42 22.33 10.55 9.58
N CYS A 43 23.07 11.48 10.16
CA CYS A 43 22.45 12.51 11.00
C CYS A 43 21.54 13.45 10.20
N LEU A 44 21.99 13.77 8.99
CA LEU A 44 21.18 14.60 8.10
C LEU A 44 19.82 13.96 7.80
N LEU A 45 19.82 12.70 7.37
CA LEU A 45 18.57 11.99 7.14
C LEU A 45 17.72 11.89 8.42
N ALA A 46 18.36 11.61 9.56
CA ALA A 46 17.64 11.51 10.83
C ALA A 46 16.82 12.78 11.09
N CYS A 47 17.44 13.93 10.87
CA CYS A 47 16.78 15.22 11.03
C CYS A 47 15.62 15.33 10.05
N ALA A 48 15.84 14.95 8.79
CA ALA A 48 14.80 15.16 7.78
C ALA A 48 13.64 14.20 8.03
N LEU A 49 13.92 12.97 8.47
CA LEU A 49 12.85 12.01 8.77
C LEU A 49 12.00 12.47 9.97
N ASP A 50 12.62 13.15 10.92
CA ASP A 50 11.88 13.74 12.03
C ASP A 50 10.98 14.84 11.48
N LYS A 51 11.54 15.66 10.59
CA LYS A 51 10.72 16.74 9.99
C LYS A 51 9.54 16.25 9.15
N VAL A 52 9.71 15.12 8.48
CA VAL A 52 8.70 14.61 7.56
C VAL A 52 7.60 13.85 8.31
N GLY A 53 7.82 13.58 9.59
CA GLY A 53 6.77 13.02 10.41
C GLY A 53 6.94 11.54 10.71
N LEU A 54 8.14 10.99 10.51
CA LEU A 54 8.37 9.55 10.69
C LEU A 54 8.83 9.15 12.09
N ILE A 55 9.23 10.13 12.90
CA ILE A 55 9.82 9.87 14.21
C ILE A 55 8.95 10.40 15.34
N SER A 56 8.70 9.54 16.31
CA SER A 56 7.83 9.88 17.44
C SER A 56 8.56 10.84 18.37
N PRO A 57 7.81 11.53 19.25
CA PRO A 57 8.44 12.43 20.22
C PRO A 57 9.58 11.78 21.02
N GLU A 58 9.46 10.47 21.28
CA GLU A 58 10.43 9.73 22.06
C GLU A 58 11.61 9.20 21.25
N GLY A 59 11.57 9.40 19.94
CA GLY A 59 12.66 9.00 19.06
C GLY A 59 12.46 7.65 18.37
N ALA A 60 11.25 7.10 18.41
CA ALA A 60 10.95 5.83 17.73
C ALA A 60 10.45 6.08 16.30
N ILE A 61 10.82 5.18 15.38
CA ILE A 61 10.27 5.22 14.02
C ILE A 61 8.83 4.72 14.10
N TYR A 62 7.91 5.49 13.50
CA TYR A 62 6.49 5.13 13.47
C TYR A 62 6.27 3.86 12.67
N THR A 63 5.28 3.09 13.08
CA THR A 63 4.91 1.87 12.38
C THR A 63 3.39 1.88 12.15
N GLY A 64 2.92 0.93 11.35
CA GLY A 64 1.49 0.73 11.18
C GLY A 64 0.78 1.93 10.59
N ASP A 65 -0.42 2.24 11.08
CA ASP A 65 -1.16 3.40 10.56
C ASP A 65 -0.35 4.68 10.61
N ASP A 66 0.54 4.76 11.60
CA ASP A 66 1.30 5.99 11.84
C ASP A 66 2.29 6.28 10.71
N LEU A 67 2.64 5.23 9.96
CA LEU A 67 3.58 5.28 8.84
C LEU A 67 2.91 5.80 7.57
N MET A 68 1.59 5.68 7.49
CA MET A 68 0.91 5.88 6.22
C MET A 68 0.95 7.31 5.66
N PRO A 69 0.77 8.34 6.49
CA PRO A 69 0.86 9.72 5.96
C PRO A 69 2.25 10.00 5.39
N VAL A 70 3.28 9.42 6.00
CA VAL A 70 4.65 9.57 5.49
C VAL A 70 4.82 8.86 4.15
N MET A 71 4.44 7.59 4.06
CA MET A 71 4.45 6.87 2.78
C MET A 71 3.71 7.64 1.69
N ASN A 72 2.55 8.19 2.03
CA ASN A 72 1.76 9.00 1.10
C ASN A 72 2.51 10.24 0.59
N ARG A 73 3.15 10.95 1.52
CA ARG A 73 3.82 12.19 1.21
C ARG A 73 5.02 11.93 0.30
N LEU A 74 5.74 10.85 0.61
CA LEU A 74 7.00 10.52 -0.05
C LEU A 74 6.79 9.93 -1.44
N TYR A 75 5.77 9.09 -1.56
CA TYR A 75 5.66 8.19 -2.71
C TYR A 75 4.30 8.17 -3.37
N GLY A 76 3.26 8.52 -2.61
CA GLY A 76 1.88 8.30 -3.03
C GLY A 76 1.61 6.81 -3.10
N PHE A 77 0.38 6.44 -3.39
CA PHE A 77 0.03 5.02 -3.52
C PHE A 77 -0.57 4.75 -4.89
N ASN A 78 0.23 5.01 -5.92
CA ASN A 78 -0.16 4.68 -7.29
C ASN A 78 0.66 3.51 -7.82
N ASP A 79 1.78 3.26 -7.15
CA ASP A 79 2.72 2.20 -7.51
C ASP A 79 2.58 1.06 -6.53
N PHE A 80 2.41 -0.15 -7.05
CA PHE A 80 2.37 -1.37 -6.23
C PHE A 80 3.64 -1.54 -5.41
N LYS A 81 4.89 -0.95 -6.07
CA LYS A 81 5.83 -1.51 -5.08
C LYS A 81 6.11 -0.47 -3.99
N THR A 82 5.12 0.63 -3.71
CA THR A 82 4.94 1.35 -2.44
C THR A 82 4.25 0.51 -1.37
N VAL A 83 3.37 -0.40 -1.81
CA VAL A 83 2.75 -1.36 -0.91
C VAL A 83 3.88 -2.14 -0.27
N MET A 84 4.74 -2.67 -1.12
CA MET A 84 5.91 -3.42 -0.69
C MET A 84 6.91 -2.57 0.13
N LYS A 85 7.08 -1.31 -0.21
CA LYS A 85 8.00 -0.44 0.55
C LYS A 85 7.43 -0.24 1.97
N ALA A 86 6.11 -0.08 2.06
CA ALA A 86 5.47 0.19 3.34
C ALA A 86 5.68 -0.97 4.31
N LYS A 87 5.57 -2.21 3.80
CA LYS A 87 5.75 -3.39 4.65
C LYS A 87 7.16 -3.50 5.18
N ALA A 88 8.14 -3.24 4.31
CA ALA A 88 9.55 -3.28 4.72
C ALA A 88 9.87 -2.23 5.75
N VAL A 89 9.35 -1.02 5.56
CA VAL A 89 9.58 0.11 6.49
C VAL A 89 9.04 -0.27 7.86
N ASN A 90 7.81 -0.80 7.88
CA ASN A 90 7.19 -1.28 9.11
C ASN A 90 8.04 -2.32 9.83
N ASP A 91 8.43 -3.35 9.11
CA ASP A 91 9.19 -4.43 9.70
C ASP A 91 10.58 -3.99 10.14
N CYS A 92 11.20 -3.11 9.36
CA CYS A 92 12.53 -2.61 9.71
C CYS A 92 12.46 -1.69 10.93
N ALA A 93 11.43 -0.87 11.01
CA ALA A 93 11.20 -0.03 12.18
C ALA A 93 11.06 -0.91 13.43
N ASN A 94 10.27 -1.97 13.33
CA ASN A 94 10.14 -2.90 14.45
C ASN A 94 11.44 -3.56 14.89
N GLN A 95 12.29 -3.86 13.91
CA GLN A 95 13.58 -4.52 14.14
C GLN A 95 14.61 -3.63 14.86
N VAL A 96 14.66 -2.36 14.49
CA VAL A 96 15.67 -1.43 15.03
C VAL A 96 15.21 -0.58 16.22
N ASN A 97 13.91 -0.35 16.35
CA ASN A 97 13.38 0.53 17.41
C ASN A 97 13.85 0.10 18.81
N GLY A 98 14.41 1.03 19.56
CA GLY A 98 14.93 0.77 20.90
C GLY A 98 16.30 0.12 20.97
N ALA A 99 16.90 -0.19 19.83
CA ALA A 99 18.16 -0.93 19.80
C ALA A 99 19.42 -0.04 19.67
N TYR A 100 19.23 1.23 19.32
CA TYR A 100 20.31 2.15 19.06
C TYR A 100 20.08 3.47 19.78
N PRO A 101 20.80 3.70 20.88
CA PRO A 101 20.67 4.96 21.64
C PRO A 101 21.08 6.19 20.84
N ASP A 102 21.98 6.04 19.88
CA ASP A 102 22.35 7.15 19.03
C ASP A 102 21.37 7.23 17.88
N ARG A 103 20.75 8.39 17.71
CA ARG A 103 19.69 8.60 16.72
C ARG A 103 20.20 8.42 15.31
N CYS A 104 21.46 8.74 15.06
CA CYS A 104 21.97 8.64 13.71
C CYS A 104 22.25 7.15 13.41
N ASP A 105 22.77 6.43 14.41
CA ASP A 105 22.94 4.96 14.28
C ASP A 105 21.60 4.26 14.00
N LEU A 106 20.55 4.73 14.66
CA LEU A 106 19.22 4.18 14.46
C LEU A 106 18.84 4.27 13.00
N ILE A 107 19.04 5.46 12.43
CA ILE A 107 18.66 5.67 11.03
C ILE A 107 19.59 4.93 10.07
N LYS A 108 20.90 4.85 10.40
CA LYS A 108 21.79 4.04 9.59
C LYS A 108 21.28 2.61 9.48
N ASN A 109 20.95 2.00 10.62
CA ASN A 109 20.52 0.63 10.62
C ASN A 109 19.14 0.41 10.04
N PHE A 110 18.25 1.37 10.25
CA PHE A 110 16.92 1.35 9.64
C PHE A 110 17.00 1.35 8.12
N THR A 111 17.78 2.30 7.56
CA THR A 111 17.86 2.39 6.11
C THR A 111 18.57 1.22 5.47
N ASP A 112 19.61 0.70 6.13
CA ASP A 112 20.25 -0.53 5.64
C ASP A 112 19.25 -1.65 5.57
N CYS A 113 18.48 -1.83 6.66
CA CYS A 113 17.46 -2.89 6.72
C CYS A 113 16.44 -2.76 5.59
N VAL A 114 15.95 -1.57 5.36
CA VAL A 114 15.04 -1.30 4.25
C VAL A 114 15.67 -1.60 2.89
N ARG A 115 16.91 -1.14 2.71
CA ARG A 115 17.60 -1.37 1.44
C ARG A 115 17.78 -2.86 1.15
N ASN A 116 18.05 -3.63 2.20
CA ASN A 116 18.31 -5.08 2.12
C ASN A 116 17.06 -5.90 1.88
N SER A 117 15.90 -5.28 2.13
CA SER A 117 14.63 -5.98 2.00
C SER A 117 14.24 -6.10 0.52
N TYR A 118 13.77 -7.29 0.15
CA TYR A 118 13.20 -7.46 -1.17
C TYR A 118 11.81 -6.85 -1.18
N SER B 1 -11.77 -0.92 5.16
CA SER B 1 -13.05 -0.49 5.78
C SER B 1 -14.20 -1.20 5.07
N THR B 2 -15.04 -1.86 5.86
CA THR B 2 -16.23 -2.47 5.34
C THR B 2 -17.11 -1.33 4.80
N GLN B 3 -17.24 -0.21 5.52
CA GLN B 3 -18.08 0.89 4.97
C GLN B 3 -17.53 1.49 3.68
N SER B 4 -16.21 1.69 3.59
CA SER B 4 -15.63 2.23 2.38
C SER B 4 -15.90 1.34 1.15
N TYR B 5 -15.80 0.02 1.37
CA TYR B 5 -16.13 -0.93 0.31
C TYR B 5 -17.56 -0.73 -0.17
N LYS B 6 -18.48 -0.61 0.78
CA LYS B 6 -19.89 -0.53 0.46
C LYS B 6 -20.16 0.78 -0.26
N ASP B 7 -19.53 1.86 0.19
CA ASP B 7 -19.76 3.16 -0.47
C ASP B 7 -19.32 3.11 -1.93
N ALA B 8 -18.20 2.43 -2.20
CA ALA B 8 -17.67 2.40 -3.56
C ALA B 8 -18.47 1.44 -4.43
N MET B 9 -18.85 0.31 -3.86
CA MET B 9 -19.40 -0.77 -4.66
C MET B 9 -20.90 -0.71 -4.77
N GLY B 10 -21.58 -0.17 -3.75
CA GLY B 10 -23.03 -0.14 -3.75
C GLY B 10 -23.66 0.36 -5.05
N PRO B 11 -23.31 1.56 -5.49
CA PRO B 11 -23.87 2.12 -6.73
C PRO B 11 -23.63 1.21 -7.93
N LEU B 12 -22.45 0.59 -7.99
CA LEU B 12 -22.10 -0.27 -9.11
C LEU B 12 -22.88 -1.59 -9.06
N VAL B 13 -23.02 -2.14 -7.85
CA VAL B 13 -23.78 -3.38 -7.69
C VAL B 13 -25.24 -3.12 -8.09
N ARG B 14 -25.77 -1.99 -7.65
CA ARG B 14 -27.13 -1.60 -8.04
C ARG B 14 -27.31 -1.55 -9.57
N GLU B 15 -26.40 -0.87 -10.24
CA GLU B 15 -26.38 -0.83 -11.72
C GLU B 15 -26.35 -2.21 -12.39
N CYS B 16 -25.65 -3.17 -11.77
CA CYS B 16 -25.48 -4.52 -12.33
C CYS B 16 -26.63 -5.50 -12.12
N MET B 17 -27.57 -5.18 -11.25
CA MET B 17 -28.48 -6.19 -10.69
C MET B 17 -29.37 -6.84 -11.77
N GLY B 18 -29.91 -6.02 -12.65
CA GLY B 18 -30.79 -6.51 -13.71
C GLY B 18 -30.08 -7.41 -14.71
N SER B 19 -28.87 -7.02 -15.10
CA SER B 19 -28.13 -7.72 -16.16
C SER B 19 -27.85 -9.15 -15.78
N VAL B 20 -27.87 -9.38 -14.48
CA VAL B 20 -27.31 -10.57 -13.89
C VAL B 20 -28.42 -11.40 -13.24
N SER B 21 -29.63 -10.84 -13.27
CA SER B 21 -30.79 -11.43 -12.62
C SER B 21 -30.60 -11.62 -11.11
N ALA B 22 -29.93 -10.66 -10.48
CA ALA B 22 -29.65 -10.71 -9.04
C ALA B 22 -30.86 -10.40 -8.18
N THR B 23 -30.89 -11.00 -6.98
CA THR B 23 -31.93 -10.76 -5.98
C THR B 23 -31.48 -9.76 -4.94
N GLU B 24 -32.41 -9.31 -4.10
CA GLU B 24 -32.05 -8.44 -2.97
C GLU B 24 -31.08 -9.12 -2.01
N ASP B 25 -31.30 -10.41 -1.79
CA ASP B 25 -30.37 -11.19 -0.96
C ASP B 25 -28.95 -11.18 -1.55
N ASP B 26 -28.86 -11.25 -2.88
CA ASP B 26 -27.54 -11.21 -3.54
C ASP B 26 -26.89 -9.85 -3.34
N PHE B 27 -27.68 -8.77 -3.39
CA PHE B 27 -27.15 -7.44 -3.14
C PHE B 27 -26.48 -7.43 -1.78
N LYS B 28 -27.16 -7.93 -0.75
CA LYS B 28 -26.63 -7.96 0.63
C LYS B 28 -25.39 -8.84 0.71
N THR B 29 -25.45 -10.00 0.06
CA THR B 29 -24.30 -10.91 0.04
C THR B 29 -23.04 -10.22 -0.48
N VAL B 30 -23.18 -9.55 -1.62
CA VAL B 30 -22.06 -8.89 -2.27
C VAL B 30 -21.60 -7.67 -1.47
N LEU B 31 -22.55 -6.82 -1.03
CA LEU B 31 -22.13 -5.66 -0.22
C LEU B 31 -21.42 -6.01 1.08
N ASN B 32 -21.81 -7.11 1.70
CA ASN B 32 -21.22 -7.57 2.95
C ASN B 32 -19.97 -8.43 2.78
N ARG B 33 -19.55 -8.59 1.53
CA ARG B 33 -18.43 -9.48 1.18
C ARG B 33 -18.60 -10.88 1.80
N ASN B 34 -19.83 -11.40 1.82
CA ASN B 34 -20.06 -12.79 2.25
C ASN B 34 -19.65 -13.77 1.15
N PRO B 35 -19.45 -15.04 1.48
CA PRO B 35 -19.17 -16.05 0.44
C PRO B 35 -20.23 -16.00 -0.68
N LEU B 36 -19.76 -16.01 -1.93
CA LEU B 36 -20.63 -15.89 -3.10
C LEU B 36 -21.18 -17.28 -3.48
N GLU B 37 -22.20 -17.72 -2.77
CA GLU B 37 -22.72 -19.07 -2.91
C GLU B 37 -23.49 -19.23 -4.24
N SER B 38 -24.39 -18.30 -4.53
CA SER B 38 -25.19 -18.34 -5.76
C SER B 38 -24.36 -17.86 -6.93
N ARG B 39 -24.56 -18.52 -8.07
CA ARG B 39 -23.93 -18.03 -9.31
C ARG B 39 -24.39 -16.60 -9.61
N THR B 40 -25.64 -16.28 -9.26
CA THR B 40 -26.12 -14.92 -9.44
C THR B 40 -25.28 -13.91 -8.65
N ALA B 41 -24.94 -14.24 -7.40
CA ALA B 41 -24.12 -13.38 -6.58
C ALA B 41 -22.70 -13.27 -7.16
N GLN B 42 -22.17 -14.40 -7.66
CA GLN B 42 -20.86 -14.42 -8.29
C GLN B 42 -20.83 -13.51 -9.50
N CYS B 43 -21.84 -13.65 -10.35
CA CYS B 43 -21.95 -12.81 -11.54
C CYS B 43 -22.20 -11.34 -11.22
N LEU B 44 -23.00 -11.08 -10.19
CA LEU B 44 -23.24 -9.70 -9.71
C LEU B 44 -21.94 -9.00 -9.29
N LEU B 45 -21.18 -9.64 -8.40
CA LEU B 45 -19.88 -9.10 -8.04
C LEU B 45 -18.93 -8.94 -9.22
N ALA B 46 -18.85 -9.93 -10.11
CA ALA B 46 -17.95 -9.81 -11.26
C ALA B 46 -18.32 -8.61 -12.14
N CYS B 47 -19.62 -8.36 -12.29
CA CYS B 47 -20.07 -7.21 -13.06
C CYS B 47 -19.63 -5.89 -12.37
N ALA B 48 -19.77 -5.84 -11.04
CA ALA B 48 -19.47 -4.62 -10.30
C ALA B 48 -17.96 -4.40 -10.27
N LEU B 49 -17.21 -5.49 -10.18
CA LEU B 49 -15.74 -5.38 -10.19
C LEU B 49 -15.22 -4.93 -11.55
N ASP B 50 -15.91 -5.32 -12.61
CA ASP B 50 -15.58 -4.84 -13.94
C ASP B 50 -15.82 -3.35 -13.95
N LYS B 51 -16.94 -2.92 -13.36
CA LYS B 51 -17.26 -1.50 -13.33
C LYS B 51 -16.27 -0.65 -12.54
N VAL B 52 -15.78 -1.20 -11.43
CA VAL B 52 -14.89 -0.46 -10.53
C VAL B 52 -13.45 -0.42 -11.06
N GLY B 53 -13.17 -1.21 -12.09
CA GLY B 53 -11.89 -1.16 -12.78
C GLY B 53 -10.95 -2.31 -12.52
N LEU B 54 -11.44 -3.41 -11.94
CA LEU B 54 -10.56 -4.51 -11.54
C LEU B 54 -10.30 -5.57 -12.63
N ILE B 55 -11.10 -5.53 -13.68
CA ILE B 55 -11.05 -6.58 -14.69
C ILE B 55 -10.62 -6.01 -16.04
N SER B 56 -9.60 -6.64 -16.60
CA SER B 56 -8.99 -6.17 -17.85
C SER B 56 -9.93 -6.49 -19.03
N PRO B 57 -9.68 -5.86 -20.18
CA PRO B 57 -10.44 -6.19 -21.39
C PRO B 57 -10.35 -7.67 -21.77
N GLU B 58 -9.30 -8.35 -21.32
CA GLU B 58 -9.09 -9.77 -21.61
C GLU B 58 -9.72 -10.65 -20.50
N GLY B 59 -10.49 -10.01 -19.62
CA GLY B 59 -11.22 -10.73 -18.57
C GLY B 59 -10.38 -11.30 -17.44
N ALA B 60 -9.19 -10.74 -17.22
CA ALA B 60 -8.34 -11.15 -16.10
C ALA B 60 -8.44 -10.12 -14.97
N ILE B 61 -8.13 -10.55 -13.75
CA ILE B 61 -7.99 -9.60 -12.65
C ILE B 61 -6.67 -8.84 -12.77
N TYR B 62 -6.73 -7.51 -12.68
CA TYR B 62 -5.52 -6.68 -12.68
C TYR B 62 -4.61 -6.98 -11.49
N THR B 63 -3.30 -6.91 -11.74
CA THR B 63 -2.29 -7.12 -10.71
C THR B 63 -1.34 -5.95 -10.69
N GLY B 64 -0.51 -5.91 -9.64
CA GLY B 64 0.55 -4.90 -9.56
C GLY B 64 0.00 -3.48 -9.62
N ASP B 65 0.64 -2.64 -10.43
CA ASP B 65 0.25 -1.24 -10.53
C ASP B 65 -1.20 -1.05 -10.94
N ASP B 66 -1.69 -1.94 -11.80
CA ASP B 66 -3.04 -1.86 -12.34
C ASP B 66 -4.10 -2.09 -11.25
N LEU B 67 -3.68 -2.72 -10.15
CA LEU B 67 -4.57 -3.00 -9.01
C LEU B 67 -4.74 -1.77 -8.09
N MET B 68 -3.80 -0.85 -8.13
CA MET B 68 -3.80 0.30 -7.20
C MET B 68 -4.96 1.31 -7.29
N PRO B 69 -5.43 1.66 -8.48
CA PRO B 69 -6.57 2.56 -8.57
C PRO B 69 -7.82 1.95 -7.90
N VAL B 70 -7.97 0.62 -7.99
CA VAL B 70 -9.09 -0.07 -7.37
C VAL B 70 -8.94 -0.11 -5.86
N MET B 71 -7.73 -0.45 -5.36
CA MET B 71 -7.49 -0.44 -3.91
C MET B 71 -7.78 0.93 -3.30
N ASN B 72 -7.36 1.98 -4.01
CA ASN B 72 -7.63 3.35 -3.61
C ASN B 72 -9.12 3.66 -3.56
N ARG B 73 -9.84 3.21 -4.58
CA ARG B 73 -11.27 3.48 -4.67
C ARG B 73 -12.01 2.76 -3.54
N LEU B 74 -11.68 1.49 -3.31
CA LEU B 74 -12.39 0.68 -2.33
C LEU B 74 -12.03 0.98 -0.88
N TYR B 75 -10.75 1.29 -0.62
CA TYR B 75 -10.26 1.30 0.74
C TYR B 75 -9.47 2.54 1.10
N GLY B 76 -8.86 3.18 0.10
CA GLY B 76 -7.94 4.28 0.34
C GLY B 76 -6.67 3.76 0.98
N PHE B 77 -5.69 4.63 1.17
CA PHE B 77 -4.42 4.20 1.74
C PHE B 77 -4.00 4.95 3.00
N ASN B 78 -4.99 5.14 3.87
CA ASN B 78 -4.75 5.74 5.17
C ASN B 78 -4.48 4.70 6.27
N ASP B 79 -4.93 3.47 6.04
CA ASP B 79 -4.80 2.40 7.01
C ASP B 79 -3.74 1.42 6.52
N PHE B 80 -2.88 0.99 7.43
CA PHE B 80 -1.80 0.04 7.12
C PHE B 80 -2.39 -1.30 6.68
N LYS B 81 -3.54 -1.65 7.24
CA LYS B 81 -4.27 -2.84 6.80
C LYS B 81 -4.43 -2.94 5.28
N THR B 82 -4.65 -1.81 4.59
CA THR B 82 -4.81 -1.77 3.13
C THR B 82 -3.55 -2.26 2.40
N VAL B 83 -2.39 -2.04 3.00
CA VAL B 83 -1.13 -2.56 2.47
C VAL B 83 -1.17 -4.08 2.42
N MET B 84 -1.48 -4.73 3.53
CA MET B 84 -1.63 -6.19 3.59
C MET B 84 -2.76 -6.72 2.71
N LYS B 85 -3.83 -5.93 2.61
CA LYS B 85 -4.95 -6.29 1.73
C LYS B 85 -4.47 -6.35 0.28
N ALA B 86 -3.66 -5.37 -0.13
CA ALA B 86 -3.20 -5.31 -1.51
C ALA B 86 -2.31 -6.50 -1.90
N LYS B 87 -1.44 -6.95 -0.99
CA LYS B 87 -0.56 -8.10 -1.29
C LYS B 87 -1.36 -9.37 -1.48
N ALA B 88 -2.31 -9.59 -0.59
CA ALA B 88 -3.15 -10.78 -0.64
C ALA B 88 -3.96 -10.77 -1.94
N VAL B 89 -4.57 -9.63 -2.27
CA VAL B 89 -5.33 -9.46 -3.50
C VAL B 89 -4.45 -9.72 -4.74
N ASN B 90 -3.25 -9.14 -4.75
CA ASN B 90 -2.32 -9.42 -5.84
C ASN B 90 -2.00 -10.91 -5.98
N ASP B 91 -1.70 -11.56 -4.86
CA ASP B 91 -1.28 -12.96 -4.89
C ASP B 91 -2.45 -13.84 -5.35
N CYS B 92 -3.62 -13.53 -4.85
CA CYS B 92 -4.85 -14.27 -5.23
C CYS B 92 -5.21 -14.09 -6.71
N ALA B 93 -5.07 -12.87 -7.22
CA ALA B 93 -5.23 -12.63 -8.66
C ALA B 93 -4.27 -13.49 -9.48
N ASN B 94 -3.00 -13.52 -9.08
CA ASN B 94 -2.03 -14.36 -9.78
C ASN B 94 -2.37 -15.84 -9.67
N GLN B 95 -2.97 -16.24 -8.56
CA GLN B 95 -3.29 -17.64 -8.33
C GLN B 95 -4.45 -18.14 -9.20
N VAL B 96 -5.44 -17.27 -9.42
CA VAL B 96 -6.65 -17.67 -10.17
C VAL B 96 -6.67 -17.30 -11.65
N ASN B 97 -5.92 -16.27 -12.02
CA ASN B 97 -5.92 -15.80 -13.39
C ASN B 97 -5.42 -16.93 -14.28
N GLY B 98 -6.13 -17.17 -15.36
CA GLY B 98 -5.81 -18.25 -16.27
C GLY B 98 -6.53 -19.57 -16.00
N ALA B 99 -7.09 -19.73 -14.80
CA ALA B 99 -7.70 -20.98 -14.40
C ALA B 99 -9.22 -21.02 -14.60
N TYR B 100 -9.79 -19.83 -14.78
CA TYR B 100 -11.26 -19.68 -14.83
C TYR B 100 -11.67 -18.66 -15.90
N PRO B 101 -11.86 -19.12 -17.13
CA PRO B 101 -12.25 -18.21 -18.22
C PRO B 101 -13.54 -17.43 -17.92
N ASP B 102 -14.47 -18.05 -17.22
CA ASP B 102 -15.75 -17.39 -16.93
C ASP B 102 -15.53 -16.42 -15.76
N ARG B 103 -15.90 -15.16 -15.96
CA ARG B 103 -15.61 -14.17 -14.90
C ARG B 103 -16.32 -14.45 -13.58
N CYS B 104 -17.51 -15.06 -13.64
CA CYS B 104 -18.22 -15.36 -12.39
C CYS B 104 -17.43 -16.39 -11.61
N ASP B 105 -16.97 -17.44 -12.31
CA ASP B 105 -16.11 -18.46 -11.70
C ASP B 105 -14.82 -17.85 -11.21
N LEU B 106 -14.24 -16.99 -12.03
CA LEU B 106 -12.98 -16.35 -11.67
C LEU B 106 -13.12 -15.54 -10.36
N ILE B 107 -14.20 -14.78 -10.29
CA ILE B 107 -14.44 -13.95 -9.10
C ILE B 107 -14.82 -14.80 -7.89
N LYS B 108 -15.57 -15.88 -8.11
CA LYS B 108 -15.85 -16.82 -7.01
C LYS B 108 -14.55 -17.30 -6.36
N ASN B 109 -13.65 -17.83 -7.19
CA ASN B 109 -12.39 -18.36 -6.71
C ASN B 109 -11.42 -17.29 -6.17
N PHE B 110 -11.39 -16.13 -6.81
CA PHE B 110 -10.60 -15.00 -6.34
C PHE B 110 -11.06 -14.57 -4.95
N THR B 111 -12.36 -14.38 -4.76
CA THR B 111 -12.84 -13.94 -3.44
C THR B 111 -12.67 -14.99 -2.36
N ASP B 112 -12.82 -16.26 -2.72
CA ASP B 112 -12.56 -17.31 -1.73
C ASP B 112 -11.07 -17.24 -1.31
N CYS B 113 -10.19 -17.06 -2.29
CA CYS B 113 -8.75 -16.98 -2.04
C CYS B 113 -8.44 -15.78 -1.13
N VAL B 114 -9.06 -14.64 -1.41
CA VAL B 114 -8.79 -13.44 -0.59
C VAL B 114 -9.29 -13.67 0.85
N ARG B 115 -10.46 -14.28 0.98
CA ARG B 115 -11.01 -14.57 2.32
C ARG B 115 -10.15 -15.52 3.10
N ASN B 116 -9.54 -16.50 2.40
CA ASN B 116 -8.71 -17.53 3.01
C ASN B 116 -7.34 -17.01 3.42
N SER B 117 -6.99 -15.82 2.92
CA SER B 117 -5.66 -15.26 3.17
C SER B 117 -5.66 -14.55 4.51
N TYR B 118 -4.63 -14.79 5.31
CA TYR B 118 -4.55 -14.11 6.60
C TYR B 118 -4.49 -12.58 6.39
C1 GOL C . 11.82 5.60 2.45
O1 GOL C . 12.73 4.81 1.71
C2 GOL C . 12.41 5.94 3.82
O2 GOL C . 11.39 5.86 4.79
C3 GOL C . 13.00 7.35 3.78
O3 GOL C . 14.42 7.28 3.69
C1 GOL D . -12.21 -6.46 -2.05
O1 GOL D . -11.47 -7.05 -1.00
C2 GOL D . -12.08 -7.27 -3.33
O2 GOL D . -11.08 -6.66 -4.11
C3 GOL D . -13.40 -7.29 -4.10
O3 GOL D . -14.42 -7.98 -3.41
#